data_8VR9
#
_entry.id   8VR9
#
_cell.length_a   1.00
_cell.length_b   1.00
_cell.length_c   1.00
_cell.angle_alpha   90.00
_cell.angle_beta   90.00
_cell.angle_gamma   90.00
#
_symmetry.space_group_name_H-M   'P 1'
#
loop_
_entity.id
_entity.type
_entity.pdbx_description
1 polymer 'HLA class I histocompatibility antigen, A alpha chain'
2 polymer Beta-2-microglobulin
3 polymer 'GTPase KRas, N-terminally processed'
4 polymer 'R023 Fab light chain'
5 polymer 'R023 Fab heavy chain'
6 non-polymer 'AMG 510 (bound form)'
#
loop_
_entity_poly.entity_id
_entity_poly.type
_entity_poly.pdbx_seq_one_letter_code
_entity_poly.pdbx_strand_id
1 'polypeptide(L)'
;MASGSHSMRYFFTSVSRPGRGEPRFIAVGYVDDTQFVRFDSDAASQRMEPRAPWIEQEGPEYWDQETRNVKAQSQTDRVD
LGTLRGYYNQSEAGSHTIQIMYGCDVGSDGRFLRGYRQDAYDGKDYIALNEDLRSWTAADMAAQITKRKWEAAHEAEQLR
AYLDGTCVEWLRRYLENGKETLQRTDPPKTHMTHHPISDHEATLRCWALGFYPAEITLTWQRDGEDQTQDTELVETRPAG
DGTFQKWAAVVVPSGEEQRYTCHVQHEGLPKPLTLRWE
;
A
2 'polypeptide(L)'
;GSIQRTPKIQVYSRHPAENGKSNFLNCYVSGFHPSDIEVDLLKNGERIEKVEHSDLSFSKDWSFYLLYYTEFTPTEKDEY
ACRVNHVTLSQPKIVKWDRDM
;
B
3 'polypeptide(L)' VVGACGVGK C
4 'polypeptide(L)'
;DIQMTQSPSSLSASVGDRVTITCRASQSVSSAVAWYQQKPGKAPKLLIYSASSLYSGVPSRFSGSRSGTDFTLTISSLQP
EDFATYYCQQASYVRKTITFGQGTKVEIKRTVAAPSVFIFPPSDSQLKSGTASVVCLLNNFYPREAKVQWKVDNALQSGN
SQESVTEQDSKDSTYSLSSTLTLSKADYEKHKVYACEVTHQGLSSPVTKSFNRGEC
;
D
5 'polypeptide(L)'
;EISEVQLVESGGGLVQPGGSLRLSCAASGFTFSDYSIHWVRQAPGKGLEWVASISSSSGSTSYADSVKGRFTISADTSKN
TAYLQMNSLRAEDTAVYYCARGGWIAAMDYWGQGTLVTVFNQIKGPSVFPLAPSSKSTSGGTAALGCLVKDYFPEPVTVS
WNSGALTSGVHTFPAVLQSSGLYSLSSVVTVPSSSLGTQTYICNVNHKPSNTKVDKKVEPKSCDKTHT
;
E
#
# COMPACT_ATOMS: atom_id res chain seq x y z
N GLY A 4 14.04 7.19 8.70
CA GLY A 4 12.86 6.71 9.39
C GLY A 4 11.66 6.57 8.48
N SER A 5 11.88 6.68 7.17
CA SER A 5 10.81 6.54 6.20
C SER A 5 10.41 5.08 6.07
N HIS A 6 9.11 4.83 5.91
CA HIS A 6 8.57 3.49 5.78
C HIS A 6 7.73 3.39 4.53
N SER A 7 7.54 2.15 4.06
CA SER A 7 6.82 1.93 2.81
C SER A 7 5.99 0.66 2.91
N MET A 8 4.89 0.63 2.18
CA MET A 8 4.04 -0.54 2.06
C MET A 8 3.85 -0.84 0.58
N ARG A 9 4.21 -2.05 0.16
CA ARG A 9 4.20 -2.44 -1.23
C ARG A 9 3.31 -3.66 -1.43
N TYR A 10 2.73 -3.76 -2.62
CA TYR A 10 1.94 -4.93 -3.00
C TYR A 10 2.37 -5.38 -4.38
N PHE A 11 2.74 -6.65 -4.50
CA PHE A 11 3.26 -7.21 -5.74
C PHE A 11 2.31 -8.27 -6.25
N PHE A 12 1.83 -8.11 -7.48
CA PHE A 12 0.88 -9.02 -8.09
C PHE A 12 1.49 -9.60 -9.37
N THR A 13 1.54 -10.92 -9.45
CA THR A 13 2.12 -11.60 -10.60
C THR A 13 1.10 -12.59 -11.15
N SER A 14 0.64 -12.34 -12.38
CA SER A 14 -0.33 -13.20 -13.03
C SER A 14 0.28 -13.75 -14.30
N VAL A 15 0.46 -15.07 -14.35
CA VAL A 15 1.14 -15.74 -15.45
C VAL A 15 0.14 -16.67 -16.11
N SER A 16 -0.22 -16.36 -17.35
CA SER A 16 -1.16 -17.21 -18.07
C SER A 16 -0.50 -18.52 -18.45
N ARG A 17 -1.24 -19.62 -18.31
CA ARG A 17 -0.79 -20.95 -18.70
C ARG A 17 -1.84 -21.54 -19.62
N PRO A 18 -1.77 -21.27 -20.93
CA PRO A 18 -2.78 -21.81 -21.85
C PRO A 18 -2.65 -23.31 -21.97
N GLY A 19 -3.78 -24.00 -21.96
CA GLY A 19 -3.79 -25.44 -21.99
C GLY A 19 -3.54 -26.11 -20.66
N ARG A 20 -3.37 -25.35 -19.58
CA ARG A 20 -3.12 -25.92 -18.26
C ARG A 20 -3.96 -25.26 -17.18
N GLY A 21 -4.99 -24.50 -17.55
CA GLY A 21 -5.96 -23.99 -16.59
C GLY A 21 -6.05 -22.47 -16.65
N GLU A 22 -6.15 -21.88 -15.47
CA GLU A 22 -6.28 -20.46 -15.26
C GLU A 22 -4.93 -19.83 -15.00
N PRO A 23 -4.73 -18.56 -15.37
CA PRO A 23 -3.47 -17.88 -15.06
C PRO A 23 -3.11 -17.95 -13.59
N ARG A 24 -1.89 -18.38 -13.30
CA ARG A 24 -1.42 -18.43 -11.94
C ARG A 24 -1.26 -17.02 -11.39
N PHE A 25 -1.85 -16.77 -10.22
CA PHE A 25 -1.87 -15.45 -9.62
C PHE A 25 -1.25 -15.53 -8.23
N ILE A 26 -0.23 -14.72 -7.99
CA ILE A 26 0.46 -14.64 -6.71
C ILE A 26 0.47 -13.19 -6.27
N ALA A 27 -0.03 -12.93 -5.07
CA ALA A 27 -0.02 -11.59 -4.50
C ALA A 27 0.78 -11.59 -3.21
N VAL A 28 1.62 -10.58 -3.05
CA VAL A 28 2.54 -10.50 -1.92
C VAL A 28 2.53 -9.07 -1.40
N GLY A 29 2.49 -8.88 -0.09
CA GLY A 29 2.53 -7.57 0.49
C GLY A 29 3.66 -7.41 1.43
N TYR A 30 4.27 -6.24 1.48
CA TYR A 30 5.45 -6.00 2.27
C TYR A 30 5.50 -4.72 3.02
N VAL A 31 5.42 -4.77 4.34
CA VAL A 31 5.63 -3.57 5.11
C VAL A 31 7.13 -3.52 5.11
N ASP A 32 7.74 -2.53 4.49
CA ASP A 32 9.17 -2.43 4.38
C ASP A 32 9.71 -3.63 3.69
N ASP A 33 10.73 -4.25 4.19
CA ASP A 33 11.22 -5.52 3.62
C ASP A 33 10.72 -6.71 4.41
N THR A 34 9.46 -6.66 4.83
CA THR A 34 8.89 -7.72 5.67
C THR A 34 7.59 -8.14 5.03
N GLN A 35 7.56 -9.27 4.35
CA GLN A 35 6.33 -9.80 3.81
C GLN A 35 5.36 -10.07 4.95
N PHE A 36 4.11 -9.63 4.78
CA PHE A 36 3.11 -9.81 5.83
C PHE A 36 1.80 -10.41 5.35
N VAL A 37 1.51 -10.43 4.06
CA VAL A 37 0.36 -11.13 3.52
C VAL A 37 0.80 -11.94 2.31
N ARG A 38 -0.14 -12.70 1.75
CA ARG A 38 0.17 -13.67 0.72
C ARG A 38 -1.13 -14.14 0.10
N PHE A 39 -1.05 -14.48 -1.19
CA PHE A 39 -2.17 -15.15 -1.86
C PHE A 39 -1.61 -15.91 -3.04
N ASP A 40 -1.72 -17.22 -3.01
CA ASP A 40 -1.37 -18.08 -4.13
C ASP A 40 -2.63 -18.72 -4.66
N SER A 41 -2.88 -18.58 -5.96
CA SER A 41 -4.10 -19.12 -6.55
C SER A 41 -4.07 -20.64 -6.63
N ASP A 42 -2.89 -21.26 -6.54
CA ASP A 42 -2.78 -22.71 -6.57
C ASP A 42 -2.89 -23.34 -5.19
N ALA A 43 -2.91 -22.53 -4.13
CA ALA A 43 -3.04 -23.06 -2.78
C ALA A 43 -4.48 -23.48 -2.50
N ALA A 44 -4.64 -24.44 -1.60
CA ALA A 44 -5.97 -24.97 -1.31
C ALA A 44 -6.80 -24.02 -0.46
N SER A 45 -6.15 -23.13 0.29
CA SER A 45 -6.89 -22.23 1.18
C SER A 45 -7.80 -21.30 0.40
N GLN A 46 -7.30 -20.74 -0.70
CA GLN A 46 -8.02 -19.75 -1.49
C GLN A 46 -8.40 -18.53 -0.65
N ARG A 47 -7.51 -18.15 0.26
CA ARG A 47 -7.69 -16.98 1.11
C ARG A 47 -6.38 -16.21 1.15
N MET A 48 -6.48 -14.95 1.58
CA MET A 48 -5.27 -14.18 1.89
C MET A 48 -4.67 -14.71 3.18
N GLU A 49 -3.40 -15.08 3.14
CA GLU A 49 -2.81 -15.70 4.30
C GLU A 49 -1.81 -14.76 4.97
N PRO A 50 -1.71 -14.82 6.30
CA PRO A 50 -0.73 -13.98 6.99
C PRO A 50 0.65 -14.63 6.97
N ARG A 51 1.66 -13.81 6.71
CA ARG A 51 3.04 -14.27 6.71
C ARG A 51 3.90 -13.48 7.70
N ALA A 52 3.27 -12.77 8.63
CA ALA A 52 3.96 -12.03 9.68
C ALA A 52 3.25 -12.28 10.99
N PRO A 53 3.98 -12.27 12.10
CA PRO A 53 3.34 -12.57 13.40
C PRO A 53 2.47 -11.45 13.93
N TRP A 54 2.70 -10.21 13.49
CA TRP A 54 1.95 -9.06 13.97
C TRP A 54 0.69 -8.78 13.17
N ILE A 55 0.49 -9.49 12.06
CA ILE A 55 -0.72 -9.32 11.25
C ILE A 55 -1.78 -10.35 11.58
N GLU A 56 -1.41 -11.45 12.24
CA GLU A 56 -2.38 -12.49 12.56
C GLU A 56 -3.40 -12.05 13.60
N GLN A 57 -3.32 -10.82 14.11
CA GLN A 57 -4.29 -10.30 15.06
C GLN A 57 -5.48 -9.64 14.39
N GLU A 58 -5.40 -9.35 13.10
CA GLU A 58 -6.52 -8.74 12.40
C GLU A 58 -7.71 -9.70 12.36
N GLY A 59 -8.90 -9.16 12.57
CA GLY A 59 -10.08 -9.97 12.69
C GLY A 59 -10.45 -10.66 11.39
N PRO A 60 -11.37 -11.63 11.47
CA PRO A 60 -11.77 -12.36 10.25
C PRO A 60 -12.46 -11.47 9.24
N GLU A 61 -12.91 -10.28 9.61
CA GLU A 61 -13.42 -9.33 8.64
C GLU A 61 -12.32 -8.72 7.78
N TYR A 62 -11.12 -8.56 8.33
CA TYR A 62 -9.99 -8.11 7.53
C TYR A 62 -9.61 -9.14 6.49
N TRP A 63 -9.59 -10.42 6.87
CA TRP A 63 -9.18 -11.46 5.94
C TRP A 63 -10.26 -11.77 4.93
N ASP A 64 -11.53 -11.59 5.32
CA ASP A 64 -12.61 -11.73 4.35
C ASP A 64 -12.54 -10.65 3.29
N GLN A 65 -12.21 -9.42 3.69
CA GLN A 65 -12.08 -8.33 2.73
C GLN A 65 -10.84 -8.48 1.86
N GLU A 66 -9.71 -8.83 2.48
CA GLU A 66 -8.47 -8.97 1.72
C GLU A 66 -8.58 -10.06 0.69
N THR A 67 -9.20 -11.18 1.04
CA THR A 67 -9.42 -12.26 0.07
C THR A 67 -10.31 -11.78 -1.07
N ARG A 68 -11.37 -11.03 -0.75
CA ARG A 68 -12.29 -10.56 -1.77
C ARG A 68 -11.62 -9.56 -2.70
N ASN A 69 -10.75 -8.72 -2.17
CA ASN A 69 -10.08 -7.70 -2.98
C ASN A 69 -8.88 -8.24 -3.75
N VAL A 70 -8.37 -9.42 -3.41
CA VAL A 70 -7.21 -9.96 -4.09
C VAL A 70 -7.68 -10.99 -5.11
N LYS A 71 -8.85 -11.58 -4.86
CA LYS A 71 -9.50 -12.42 -5.86
C LYS A 71 -10.21 -11.60 -6.91
N ALA A 72 -10.32 -10.29 -6.74
CA ALA A 72 -10.82 -9.40 -7.78
C ALA A 72 -9.70 -8.92 -8.70
N GLN A 73 -8.54 -8.60 -8.14
CA GLN A 73 -7.37 -8.35 -8.96
C GLN A 73 -6.95 -9.61 -9.71
N SER A 74 -7.26 -10.78 -9.15
CA SER A 74 -6.96 -12.02 -9.85
C SER A 74 -7.73 -12.13 -11.14
N GLN A 75 -9.00 -11.72 -11.13
CA GLN A 75 -9.82 -11.79 -12.33
C GLN A 75 -9.48 -10.66 -13.29
N THR A 76 -9.18 -9.47 -12.77
CA THR A 76 -8.79 -8.37 -13.64
C THR A 76 -7.53 -8.71 -14.42
N ASP A 77 -6.54 -9.29 -13.77
CA ASP A 77 -5.35 -9.73 -14.47
C ASP A 77 -5.65 -10.88 -15.42
N ARG A 78 -6.69 -11.66 -15.14
CA ARG A 78 -7.02 -12.80 -15.99
C ARG A 78 -7.64 -12.37 -17.30
N VAL A 79 -8.39 -11.27 -17.30
CA VAL A 79 -8.93 -10.74 -18.54
C VAL A 79 -7.97 -9.77 -19.21
N ASP A 80 -7.02 -9.21 -18.44
CA ASP A 80 -5.99 -8.36 -19.03
C ASP A 80 -4.99 -9.17 -19.82
N LEU A 81 -4.74 -10.42 -19.41
CA LEU A 81 -3.80 -11.26 -20.14
C LEU A 81 -4.30 -11.56 -21.54
N GLY A 82 -5.60 -11.83 -21.68
CA GLY A 82 -6.19 -12.01 -22.99
C GLY A 82 -6.45 -10.72 -23.72
N THR A 83 -6.53 -9.60 -23.00
CA THR A 83 -6.67 -8.30 -23.65
C THR A 83 -5.36 -7.87 -24.27
N LEU A 84 -4.28 -7.87 -23.49
CA LEU A 84 -2.98 -7.48 -24.01
C LEU A 84 -2.48 -8.45 -25.08
N ARG A 85 -2.86 -9.72 -24.97
CA ARG A 85 -2.51 -10.69 -26.00
C ARG A 85 -3.11 -10.34 -27.36
N GLY A 86 -4.12 -9.48 -27.38
CA GLY A 86 -4.68 -9.01 -28.64
C GLY A 86 -4.13 -7.66 -29.03
N TYR A 87 -3.79 -6.83 -28.04
CA TYR A 87 -3.10 -5.58 -28.33
C TYR A 87 -1.77 -5.86 -29.02
N TYR A 88 -1.03 -6.83 -28.52
CA TYR A 88 0.29 -7.17 -29.04
C TYR A 88 0.23 -8.17 -30.18
N ASN A 89 -0.95 -8.68 -30.50
CA ASN A 89 -1.14 -9.66 -31.57
C ASN A 89 -0.19 -10.84 -31.42
N GLN A 90 -0.37 -11.54 -30.31
CA GLN A 90 0.42 -12.72 -29.99
C GLN A 90 -0.46 -13.97 -30.07
N SER A 91 0.20 -15.12 -30.16
CA SER A 91 -0.50 -16.38 -30.24
C SER A 91 -1.23 -16.67 -28.93
N GLU A 92 -2.21 -17.55 -29.00
CA GLU A 92 -3.05 -17.91 -27.86
C GLU A 92 -2.51 -19.11 -27.09
N ALA A 93 -1.29 -19.55 -27.41
CA ALA A 93 -0.71 -20.72 -26.76
C ALA A 93 0.65 -20.41 -26.15
N GLY A 94 0.85 -19.17 -25.72
CA GLY A 94 2.07 -18.76 -25.07
C GLY A 94 1.80 -18.25 -23.67
N SER A 95 2.78 -18.42 -22.78
CA SER A 95 2.68 -17.95 -21.41
C SER A 95 3.18 -16.51 -21.33
N HIS A 96 2.35 -15.63 -20.76
CA HIS A 96 2.67 -14.22 -20.64
C HIS A 96 2.41 -13.77 -19.21
N THR A 97 3.21 -12.81 -18.76
CA THR A 97 3.19 -12.37 -17.37
C THR A 97 2.70 -10.94 -17.28
N ILE A 98 1.90 -10.65 -16.26
CA ILE A 98 1.46 -9.30 -15.94
C ILE A 98 1.88 -9.06 -14.50
N GLN A 99 2.91 -8.26 -14.30
CA GLN A 99 3.33 -7.86 -12.97
C GLN A 99 2.78 -6.49 -12.62
N ILE A 100 2.27 -6.36 -11.40
CA ILE A 100 1.71 -5.11 -10.91
C ILE A 100 2.32 -4.82 -9.56
N MET A 101 2.75 -3.59 -9.38
CA MET A 101 3.35 -3.20 -8.11
C MET A 101 2.85 -1.83 -7.75
N TYR A 102 2.10 -1.73 -6.66
CA TYR A 102 1.67 -0.43 -6.19
C TYR A 102 2.05 -0.31 -4.73
N GLY A 103 1.66 0.79 -4.11
CA GLY A 103 1.96 0.96 -2.70
C GLY A 103 2.11 2.41 -2.32
N CYS A 104 2.75 2.66 -1.19
CA CYS A 104 2.88 4.06 -0.71
C CYS A 104 4.14 4.19 0.15
N ASP A 105 4.55 5.43 0.42
CA ASP A 105 5.71 5.70 1.28
C ASP A 105 5.29 6.79 2.24
N VAL A 106 5.43 6.55 3.52
CA VAL A 106 5.16 7.49 4.59
C VAL A 106 6.47 7.81 5.28
N GLY A 107 6.49 8.94 5.99
CA GLY A 107 7.69 9.42 6.63
C GLY A 107 7.79 8.97 8.07
N SER A 108 8.79 9.53 8.76
CA SER A 108 8.99 9.20 10.17
C SER A 108 7.81 9.64 11.02
N ASP A 109 7.09 10.68 10.59
CA ASP A 109 5.92 11.16 11.30
C ASP A 109 4.63 10.55 10.80
N GLY A 110 4.70 9.59 9.88
CA GLY A 110 3.52 8.95 9.36
C GLY A 110 2.74 9.76 8.36
N ARG A 111 3.37 10.73 7.72
CA ARG A 111 2.73 11.55 6.70
C ARG A 111 3.06 11.01 5.31
N PHE A 112 2.11 11.14 4.40
CA PHE A 112 2.25 10.58 3.06
C PHE A 112 3.31 11.33 2.27
N LEU A 113 4.26 10.58 1.69
CA LEU A 113 5.26 11.14 0.78
C LEU A 113 4.94 10.91 -0.70
N ARG A 114 4.79 9.66 -1.12
CA ARG A 114 4.50 9.40 -2.52
C ARG A 114 3.81 8.05 -2.64
N GLY A 115 3.11 7.88 -3.76
CA GLY A 115 2.42 6.64 -4.04
C GLY A 115 2.81 6.11 -5.41
N TYR A 116 2.76 4.79 -5.52
CA TYR A 116 3.24 4.08 -6.70
C TYR A 116 2.12 3.23 -7.28
N ARG A 117 2.15 3.08 -8.60
CA ARG A 117 1.32 2.09 -9.28
C ARG A 117 1.97 1.83 -10.63
N GLN A 118 2.59 0.67 -10.79
CA GLN A 118 3.31 0.35 -12.02
C GLN A 118 2.88 -1.03 -12.49
N ASP A 119 2.57 -1.13 -13.78
CA ASP A 119 2.27 -2.40 -14.41
C ASP A 119 3.40 -2.78 -15.35
N ALA A 120 3.46 -4.06 -15.70
CA ALA A 120 4.46 -4.56 -16.63
C ALA A 120 3.89 -5.76 -17.36
N TYR A 121 4.09 -5.81 -18.67
CA TYR A 121 3.64 -6.95 -19.47
C TYR A 121 4.88 -7.60 -20.08
N ASP A 122 5.18 -8.81 -19.62
CA ASP A 122 6.33 -9.60 -20.09
C ASP A 122 7.64 -8.95 -19.69
N GLY A 123 7.73 -8.53 -18.43
CA GLY A 123 8.98 -8.03 -17.90
C GLY A 123 9.26 -6.58 -18.26
N LYS A 124 8.79 -6.15 -19.42
CA LYS A 124 8.95 -4.77 -19.84
C LYS A 124 7.90 -3.90 -19.17
N ASP A 125 8.25 -2.63 -18.96
CA ASP A 125 7.29 -1.67 -18.44
C ASP A 125 6.10 -1.57 -19.38
N TYR A 126 4.90 -1.48 -18.80
CA TYR A 126 3.70 -1.30 -19.58
C TYR A 126 3.06 0.06 -19.33
N ILE A 127 2.71 0.37 -18.09
CA ILE A 127 2.13 1.66 -17.75
C ILE A 127 2.45 1.95 -16.29
N ALA A 128 2.67 3.23 -15.99
CA ALA A 128 3.02 3.65 -14.66
C ALA A 128 2.24 4.91 -14.30
N LEU A 129 2.06 5.11 -13.00
CA LEU A 129 1.38 6.28 -12.48
C LEU A 129 2.42 7.36 -12.19
N ASN A 130 2.26 8.52 -12.80
CA ASN A 130 3.23 9.59 -12.64
C ASN A 130 3.24 10.09 -11.20
N GLU A 131 4.36 10.71 -10.81
CA GLU A 131 4.56 11.11 -9.43
C GLU A 131 3.52 12.09 -8.93
N ASP A 132 2.89 12.86 -9.83
CA ASP A 132 1.83 13.76 -9.42
C ASP A 132 0.52 13.03 -9.13
N LEU A 133 0.47 11.72 -9.39
CA LEU A 133 -0.64 10.85 -9.05
C LEU A 133 -1.92 11.17 -9.82
N ARG A 134 -1.80 11.80 -10.98
CA ARG A 134 -2.97 12.01 -11.82
C ARG A 134 -2.67 11.79 -13.30
N SER A 135 -1.49 11.30 -13.64
CA SER A 135 -1.09 11.06 -15.03
C SER A 135 -0.51 9.67 -15.15
N TRP A 136 -0.50 9.14 -16.37
CA TRP A 136 0.03 7.83 -16.67
C TRP A 136 1.17 7.95 -17.68
N THR A 137 2.13 7.04 -17.58
CA THR A 137 3.22 6.93 -18.53
C THR A 137 3.08 5.60 -19.27
N ALA A 138 2.58 5.66 -20.50
CA ALA A 138 2.46 4.47 -21.33
C ALA A 138 3.78 4.19 -22.00
N ALA A 139 4.32 2.98 -21.77
CA ALA A 139 5.68 2.68 -22.18
C ALA A 139 5.81 2.26 -23.64
N ASP A 140 4.72 1.92 -24.30
CA ASP A 140 4.82 1.48 -25.70
C ASP A 140 3.55 1.89 -26.42
N MET A 141 3.32 1.31 -27.59
CA MET A 141 2.19 1.66 -28.44
C MET A 141 0.94 0.85 -28.11
N ALA A 142 1.06 -0.21 -27.31
CA ALA A 142 -0.10 -0.97 -26.87
C ALA A 142 -0.55 -0.57 -25.48
N ALA A 143 0.21 0.26 -24.78
CA ALA A 143 -0.23 0.86 -23.53
C ALA A 143 -0.83 2.24 -23.72
N GLN A 144 -0.75 2.79 -24.92
CA GLN A 144 -1.50 4.01 -25.22
C GLN A 144 -3.00 3.73 -25.28
N ILE A 145 -3.39 2.52 -25.65
CA ILE A 145 -4.80 2.14 -25.62
C ILE A 145 -5.30 2.00 -24.20
N THR A 146 -4.47 1.43 -23.34
CA THR A 146 -4.84 1.33 -21.93
C THR A 146 -4.92 2.72 -21.34
N LYS A 147 -3.99 3.59 -21.72
CA LYS A 147 -3.97 4.92 -21.14
C LYS A 147 -5.27 5.66 -21.41
N ARG A 148 -5.81 5.53 -22.62
CA ARG A 148 -7.08 6.18 -22.93
C ARG A 148 -8.20 5.62 -22.07
N LYS A 149 -8.21 4.31 -21.87
CA LYS A 149 -9.23 3.72 -21.02
C LYS A 149 -9.11 4.27 -19.62
N TRP A 150 -7.90 4.28 -19.08
CA TRP A 150 -7.70 4.71 -17.71
C TRP A 150 -7.80 6.21 -17.54
N GLU A 151 -7.88 6.97 -18.64
CA GLU A 151 -8.17 8.39 -18.56
C GLU A 151 -9.65 8.68 -18.75
N ALA A 152 -10.29 7.99 -19.70
CA ALA A 152 -11.73 8.13 -19.86
C ALA A 152 -12.48 7.61 -18.64
N ALA A 153 -11.98 6.55 -18.01
CA ALA A 153 -12.59 5.99 -16.81
C ALA A 153 -12.11 6.67 -15.53
N HIS A 154 -11.19 7.61 -15.64
CA HIS A 154 -10.67 8.35 -14.46
C HIS A 154 -10.09 7.37 -13.45
N GLU A 155 -9.21 6.49 -13.91
CA GLU A 155 -8.67 5.46 -13.01
C GLU A 155 -7.67 6.07 -12.05
N ALA A 156 -6.92 7.08 -12.48
CA ALA A 156 -5.91 7.70 -11.62
C ALA A 156 -6.58 8.53 -10.53
N GLU A 157 -7.85 8.87 -10.67
CA GLU A 157 -8.57 9.66 -9.65
C GLU A 157 -9.20 8.75 -8.62
N GLN A 158 -9.77 7.63 -9.04
CA GLN A 158 -10.31 6.65 -8.06
C GLN A 158 -9.17 6.05 -7.26
N LEU A 159 -8.05 5.75 -7.92
CA LEU A 159 -6.87 5.16 -7.23
C LEU A 159 -6.21 6.16 -6.31
N ARG A 160 -6.47 7.45 -6.47
CA ARG A 160 -5.78 8.48 -5.66
C ARG A 160 -6.15 8.31 -4.20
N ALA A 161 -7.43 8.10 -3.89
CA ALA A 161 -7.86 8.03 -2.50
C ALA A 161 -7.30 6.82 -1.78
N TYR A 162 -6.87 5.81 -2.53
CA TYR A 162 -6.24 4.64 -1.91
C TYR A 162 -4.77 4.88 -1.61
N LEU A 163 -4.06 5.58 -2.50
CA LEU A 163 -2.61 5.67 -2.37
C LEU A 163 -2.18 6.72 -1.35
N ASP A 164 -3.06 7.62 -0.93
CA ASP A 164 -2.70 8.58 0.10
C ASP A 164 -3.64 8.58 1.29
N GLY A 165 -4.71 7.79 1.26
CA GLY A 165 -5.56 7.68 2.43
C GLY A 165 -5.79 6.30 3.00
N THR A 166 -5.60 5.25 2.21
CA THR A 166 -5.94 3.90 2.72
C THR A 166 -4.66 3.13 2.95
N CYS A 167 -3.61 3.47 2.20
CA CYS A 167 -2.28 2.84 2.39
C CYS A 167 -1.60 3.55 3.56
N VAL A 168 -1.71 4.88 3.63
CA VAL A 168 -1.02 5.67 4.68
C VAL A 168 -1.65 5.41 6.03
N GLU A 169 -2.87 4.92 6.09
CA GLU A 169 -3.61 4.73 7.34
C GLU A 169 -3.40 3.33 7.85
N TRP A 170 -3.44 2.35 6.96
CA TRP A 170 -3.25 0.96 7.34
C TRP A 170 -1.76 0.73 7.47
N LEU A 171 -0.95 1.50 6.78
CA LEU A 171 0.48 1.32 6.98
C LEU A 171 0.93 1.75 8.36
N ARG A 172 0.42 2.86 8.89
CA ARG A 172 0.69 3.20 10.28
C ARG A 172 0.07 2.25 11.27
N ARG A 173 -1.06 1.61 10.91
CA ARG A 173 -1.60 0.53 11.71
C ARG A 173 -0.66 -0.65 11.78
N TYR A 174 0.03 -0.96 10.68
CA TYR A 174 1.00 -2.04 10.63
C TYR A 174 2.29 -1.70 11.37
N LEU A 175 2.81 -0.49 11.18
CA LEU A 175 3.99 -0.05 11.91
C LEU A 175 3.75 0.05 13.41
N GLU A 176 2.49 0.13 13.84
CA GLU A 176 2.16 0.15 15.25
C GLU A 176 2.02 -1.25 15.83
N ASN A 177 1.34 -2.14 15.12
CA ASN A 177 1.23 -3.53 15.58
C ASN A 177 2.59 -4.21 15.57
N GLY A 178 3.30 -4.12 14.45
CA GLY A 178 4.63 -4.67 14.35
C GLY A 178 5.70 -3.68 14.71
N LYS A 179 5.59 -3.09 15.90
CA LYS A 179 6.54 -2.06 16.32
C LYS A 179 7.89 -2.64 16.66
N GLU A 180 7.91 -3.81 17.31
CA GLU A 180 9.16 -4.46 17.69
C GLU A 180 9.78 -5.25 16.55
N THR A 181 9.12 -5.30 15.40
CA THR A 181 9.58 -6.04 14.24
C THR A 181 9.94 -5.14 13.07
N LEU A 182 9.05 -4.22 12.70
CA LEU A 182 9.27 -3.36 11.55
C LEU A 182 10.04 -2.09 11.88
N GLN A 183 9.97 -1.62 13.11
CA GLN A 183 10.61 -0.37 13.53
C GLN A 183 11.88 -0.65 14.30
N ARG A 184 12.62 -1.69 13.90
CA ARG A 184 13.90 -2.02 14.48
C ARG A 184 14.98 -1.89 13.41
N THR A 185 16.20 -1.64 13.88
CA THR A 185 17.37 -1.54 13.01
C THR A 185 18.45 -2.45 13.60
N ASP A 186 18.67 -3.60 12.98
CA ASP A 186 19.75 -4.48 13.39
C ASP A 186 21.04 -4.06 12.70
N PRO A 187 22.05 -3.63 13.43
CA PRO A 187 23.31 -3.25 12.79
C PRO A 187 24.04 -4.47 12.28
N PRO A 188 24.87 -4.32 11.26
CA PRO A 188 25.57 -5.48 10.70
C PRO A 188 26.56 -6.08 11.68
N LYS A 189 26.74 -7.39 11.57
CA LYS A 189 27.80 -8.10 12.28
C LYS A 189 28.97 -8.24 11.32
N THR A 190 29.85 -7.25 11.29
CA THR A 190 30.88 -7.15 10.28
C THR A 190 32.14 -7.87 10.73
N HIS A 191 32.75 -8.59 9.80
CA HIS A 191 34.07 -9.19 10.01
C HIS A 191 34.74 -9.36 8.66
N MET A 192 36.05 -9.54 8.69
CA MET A 192 36.88 -9.59 7.50
C MET A 192 37.59 -10.93 7.45
N THR A 193 37.51 -11.62 6.30
CA THR A 193 38.13 -12.92 6.13
C THR A 193 39.16 -12.85 5.01
N HIS A 194 40.34 -13.37 5.26
CA HIS A 194 41.44 -13.39 4.31
C HIS A 194 41.53 -14.79 3.71
N HIS A 195 41.29 -14.90 2.41
CA HIS A 195 41.43 -16.17 1.73
C HIS A 195 42.64 -16.14 0.83
N PRO A 196 43.72 -16.87 1.16
CA PRO A 196 44.90 -16.91 0.30
C PRO A 196 44.62 -17.76 -0.93
N ILE A 197 44.66 -17.13 -2.11
CA ILE A 197 44.46 -17.84 -3.37
C ILE A 197 45.77 -18.15 -4.08
N SER A 198 46.85 -17.45 -3.75
CA SER A 198 48.16 -17.71 -4.32
C SER A 198 49.21 -17.17 -3.36
N ASP A 199 50.47 -17.52 -3.61
CA ASP A 199 51.55 -17.00 -2.77
C ASP A 199 51.72 -15.51 -2.94
N HIS A 200 51.29 -14.95 -4.07
CA HIS A 200 51.40 -13.52 -4.35
C HIS A 200 50.05 -12.85 -4.51
N GLU A 201 48.95 -13.60 -4.49
CA GLU A 201 47.62 -13.03 -4.64
C GLU A 201 46.74 -13.53 -3.50
N ALA A 202 45.88 -12.66 -3.00
CA ALA A 202 44.97 -12.98 -1.92
C ALA A 202 43.63 -12.29 -2.18
N THR A 203 42.66 -12.57 -1.32
CA THR A 203 41.36 -11.92 -1.41
C THR A 203 40.83 -11.66 0.00
N LEU A 204 40.37 -10.44 0.23
CA LEU A 204 39.80 -10.06 1.51
C LEU A 204 38.30 -9.89 1.33
N ARG A 205 37.52 -10.62 2.11
CA ARG A 205 36.07 -10.53 2.07
C ARG A 205 35.60 -9.76 3.30
N CYS A 206 34.65 -8.86 3.10
CA CYS A 206 34.17 -7.98 4.16
C CYS A 206 32.70 -8.29 4.38
N TRP A 207 32.41 -9.11 5.39
CA TRP A 207 31.05 -9.55 5.61
C TRP A 207 30.24 -8.50 6.34
N ALA A 208 28.92 -8.61 6.21
CA ALA A 208 27.98 -7.79 6.96
C ALA A 208 26.74 -8.66 7.15
N LEU A 209 26.67 -9.34 8.27
CA LEU A 209 25.66 -10.35 8.49
C LEU A 209 24.61 -9.89 9.50
N GLY A 210 23.38 -10.35 9.30
CA GLY A 210 22.35 -10.13 10.28
C GLY A 210 21.89 -8.70 10.43
N PHE A 211 21.92 -7.91 9.37
CA PHE A 211 21.50 -6.52 9.47
C PHE A 211 20.08 -6.35 8.94
N TYR A 212 19.44 -5.27 9.39
CA TYR A 212 18.11 -4.88 8.95
C TYR A 212 17.96 -3.38 9.13
N PRO A 213 17.43 -2.65 8.14
CA PRO A 213 16.92 -3.11 6.84
C PRO A 213 18.03 -3.45 5.85
N ALA A 214 17.64 -3.88 4.65
CA ALA A 214 18.57 -4.36 3.65
C ALA A 214 19.44 -3.27 3.05
N GLU A 215 19.12 -2.00 3.27
CA GLU A 215 19.89 -0.90 2.69
C GLU A 215 21.22 -0.79 3.41
N ILE A 216 22.28 -1.30 2.79
CA ILE A 216 23.62 -1.25 3.32
C ILE A 216 24.56 -0.83 2.19
N THR A 217 25.80 -0.53 2.56
CA THR A 217 26.80 -0.12 1.58
C THR A 217 28.17 -0.57 2.08
N LEU A 218 28.82 -1.44 1.31
CA LEU A 218 30.19 -1.85 1.57
C LEU A 218 31.09 -1.25 0.51
N THR A 219 32.18 -0.60 0.93
CA THR A 219 33.04 0.14 0.03
C THR A 219 34.49 -0.25 0.33
N TRP A 220 35.13 -0.93 -0.63
CA TRP A 220 36.49 -1.43 -0.44
C TRP A 220 37.47 -0.38 -0.92
N GLN A 221 37.74 0.59 -0.04
CA GLN A 221 38.68 1.65 -0.38
C GLN A 221 40.11 1.14 -0.35
N ARG A 222 41.02 1.96 -0.87
CA ARG A 222 42.44 1.67 -0.80
C ARG A 222 43.17 3.00 -0.71
N ASP A 223 43.70 3.31 0.48
CA ASP A 223 44.37 4.59 0.73
C ASP A 223 43.47 5.75 0.39
N GLY A 224 42.20 5.64 0.73
CA GLY A 224 41.23 6.69 0.47
C GLY A 224 40.44 6.56 -0.81
N GLU A 225 41.13 6.40 -1.94
CA GLU A 225 40.45 6.32 -3.23
C GLU A 225 39.67 5.01 -3.33
N ASP A 226 38.35 5.11 -3.27
CA ASP A 226 37.52 3.92 -3.40
C ASP A 226 37.68 3.29 -4.77
N GLN A 227 37.64 1.96 -4.82
CA GLN A 227 37.99 1.24 -6.04
C GLN A 227 36.75 0.95 -6.90
N THR A 228 35.79 0.20 -6.35
CA THR A 228 34.53 -0.14 -7.01
C THR A 228 34.79 -1.08 -8.20
N GLN A 229 36.06 -1.29 -8.52
CA GLN A 229 36.51 -2.24 -9.51
C GLN A 229 37.30 -3.33 -8.80
N ASP A 230 37.54 -4.43 -9.53
CA ASP A 230 38.12 -5.66 -8.98
C ASP A 230 37.54 -5.94 -7.59
N THR A 231 36.22 -6.05 -7.53
CA THR A 231 35.50 -6.09 -6.27
C THR A 231 34.17 -6.82 -6.49
N GLU A 232 34.02 -8.06 -6.06
CA GLU A 232 32.68 -8.69 -6.12
C GLU A 232 31.95 -7.98 -5.00
N LEU A 233 30.67 -7.70 -5.14
CA LEU A 233 29.88 -7.04 -4.09
C LEU A 233 28.51 -7.66 -4.23
N VAL A 234 28.38 -8.89 -3.80
CA VAL A 234 27.14 -9.66 -4.03
C VAL A 234 25.92 -8.95 -3.51
N GLU A 235 24.82 -9.17 -4.19
CA GLU A 235 23.54 -8.56 -3.82
C GLU A 235 23.17 -8.91 -2.40
N THR A 236 22.58 -7.98 -1.70
CA THR A 236 22.06 -8.28 -0.38
C THR A 236 21.12 -9.48 -0.46
N ARG A 237 21.45 -10.51 0.28
CA ARG A 237 20.70 -11.75 0.26
C ARG A 237 19.95 -11.94 1.57
N PRO A 238 18.74 -12.49 1.53
CA PRO A 238 18.01 -12.72 2.77
C PRO A 238 18.67 -13.82 3.59
N ALA A 239 18.88 -13.54 4.87
CA ALA A 239 19.39 -14.57 5.76
C ALA A 239 18.33 -15.60 6.09
N GLY A 240 17.06 -15.25 5.92
CA GLY A 240 15.95 -16.15 6.14
C GLY A 240 15.18 -15.90 7.41
N ASP A 241 15.73 -15.16 8.36
CA ASP A 241 15.08 -14.87 9.63
C ASP A 241 14.82 -13.38 9.80
N GLY A 242 14.49 -12.70 8.71
CA GLY A 242 14.22 -11.28 8.75
C GLY A 242 15.44 -10.40 8.67
N THR A 243 16.63 -10.97 8.82
CA THR A 243 17.88 -10.24 8.64
C THR A 243 18.42 -10.51 7.25
N PHE A 244 19.45 -9.74 6.88
CA PHE A 244 20.04 -9.84 5.55
C PHE A 244 21.53 -10.08 5.67
N GLN A 245 22.15 -10.42 4.54
CA GLN A 245 23.58 -10.67 4.47
C GLN A 245 24.13 -10.00 3.22
N LYS A 246 25.41 -9.70 3.23
CA LYS A 246 26.10 -9.09 2.07
C LYS A 246 27.58 -9.03 2.34
N TRP A 247 28.41 -9.36 1.38
CA TRP A 247 29.85 -9.27 1.50
C TRP A 247 30.42 -8.59 0.27
N ALA A 248 31.62 -8.06 0.42
CA ALA A 248 32.32 -7.35 -0.64
C ALA A 248 33.78 -7.77 -0.60
N ALA A 249 34.25 -8.37 -1.69
CA ALA A 249 35.62 -8.89 -1.74
C ALA A 249 36.52 -7.94 -2.53
N VAL A 250 37.83 -8.13 -2.35
CA VAL A 250 38.83 -7.44 -3.14
C VAL A 250 39.99 -8.41 -3.32
N VAL A 251 40.80 -8.18 -4.36
CA VAL A 251 41.72 -9.21 -4.83
C VAL A 251 43.14 -8.75 -4.51
N VAL A 252 43.31 -8.09 -3.35
CA VAL A 252 44.60 -7.64 -2.84
C VAL A 252 45.75 -8.61 -3.04
N PRO A 253 46.86 -8.17 -3.64
CA PRO A 253 48.05 -9.02 -3.71
C PRO A 253 48.60 -9.40 -2.36
N SER A 254 49.23 -10.57 -2.29
CA SER A 254 49.77 -11.04 -1.03
C SER A 254 50.94 -10.18 -0.59
N GLY A 255 51.07 -10.02 0.72
CA GLY A 255 52.04 -9.09 1.26
C GLY A 255 51.62 -7.65 1.18
N GLU A 256 50.37 -7.39 0.77
CA GLU A 256 49.87 -6.04 0.63
C GLU A 256 48.53 -5.84 1.35
N GLU A 257 48.16 -6.76 2.24
CA GLU A 257 46.81 -6.75 2.78
C GLU A 257 46.58 -5.61 3.76
N GLN A 258 47.53 -5.37 4.67
CA GLN A 258 47.27 -4.42 5.74
C GLN A 258 47.45 -2.98 5.26
N ARG A 259 46.80 -2.67 4.13
CA ARG A 259 46.62 -1.30 3.67
C ARG A 259 45.23 -1.09 3.10
N TYR A 260 44.37 -2.09 3.15
CA TYR A 260 42.99 -2.04 2.67
C TYR A 260 42.01 -1.89 3.82
N THR A 261 41.00 -1.07 3.59
CA THR A 261 39.95 -0.85 4.58
C THR A 261 38.60 -1.12 3.94
N CYS A 262 37.69 -1.68 4.70
CA CYS A 262 36.32 -1.88 4.28
C CYS A 262 35.41 -0.97 5.09
N HIS A 263 34.55 -0.23 4.40
CA HIS A 263 33.69 0.76 5.03
C HIS A 263 32.25 0.33 4.90
N VAL A 264 31.54 0.29 6.02
CA VAL A 264 30.18 -0.20 6.08
C VAL A 264 29.28 0.95 6.52
N GLN A 265 28.24 1.22 5.74
CA GLN A 265 27.27 2.27 6.08
C GLN A 265 25.90 1.63 6.21
N HIS A 266 25.28 1.82 7.36
CA HIS A 266 23.97 1.26 7.65
C HIS A 266 23.22 2.22 8.56
N GLU A 267 21.92 2.37 8.34
CA GLU A 267 21.12 3.23 9.19
C GLU A 267 21.00 2.71 10.62
N GLY A 268 21.36 1.45 10.86
CA GLY A 268 21.48 0.91 12.19
C GLY A 268 22.83 1.08 12.81
N LEU A 269 23.76 1.74 12.11
CA LEU A 269 25.09 2.00 12.62
C LEU A 269 25.22 3.45 13.09
N PRO A 270 25.85 3.68 14.24
CA PRO A 270 26.07 5.07 14.68
C PRO A 270 26.89 5.88 13.70
N LYS A 271 27.88 5.28 13.06
CA LYS A 271 28.70 5.94 12.06
C LYS A 271 29.42 4.87 11.24
N PRO A 272 29.85 5.21 10.02
CA PRO A 272 30.47 4.19 9.17
C PRO A 272 31.71 3.57 9.80
N LEU A 273 31.89 2.28 9.53
CA LEU A 273 33.00 1.52 10.06
C LEU A 273 34.20 1.60 9.13
N THR A 274 35.34 1.09 9.61
CA THR A 274 36.57 1.08 8.84
C THR A 274 37.29 -0.22 9.14
N LEU A 275 36.62 -1.35 8.88
CA LEU A 275 37.19 -2.67 9.12
C LEU A 275 38.48 -2.82 8.34
N ARG A 276 39.49 -3.37 9.01
CA ARG A 276 40.81 -3.64 8.38
C ARG A 276 41.29 -5.02 8.80
N TRP A 277 42.52 -5.42 8.47
CA TRP A 277 42.93 -6.82 8.74
C TRP A 277 44.12 -6.89 9.70
N SER B 2 8.90 -12.55 -23.72
CA SER B 2 9.64 -11.59 -24.53
C SER B 2 11.14 -11.73 -24.29
N ILE B 3 11.68 -10.85 -23.45
CA ILE B 3 13.08 -10.91 -23.08
C ILE B 3 13.20 -11.71 -21.79
N GLN B 4 14.03 -12.74 -21.82
CA GLN B 4 14.24 -13.62 -20.69
C GLN B 4 15.63 -13.39 -20.13
N ARG B 5 15.71 -13.17 -18.83
CA ARG B 5 16.99 -12.97 -18.16
C ARG B 5 17.22 -14.12 -17.18
N THR B 6 18.44 -14.65 -17.18
CA THR B 6 18.89 -15.84 -16.47
C THR B 6 19.04 -15.56 -14.97
N PRO B 7 18.74 -16.53 -14.12
CA PRO B 7 18.81 -16.29 -12.67
C PRO B 7 20.24 -16.19 -12.18
N LYS B 8 20.38 -15.63 -10.98
CA LYS B 8 21.67 -15.52 -10.31
C LYS B 8 21.56 -16.23 -8.96
N ILE B 9 22.24 -17.36 -8.83
CA ILE B 9 22.11 -18.24 -7.69
C ILE B 9 23.12 -17.85 -6.62
N GLN B 10 22.68 -17.84 -5.37
CA GLN B 10 23.56 -17.65 -4.22
C GLN B 10 23.22 -18.72 -3.20
N VAL B 11 24.14 -19.65 -2.96
CA VAL B 11 23.97 -20.67 -1.95
C VAL B 11 24.76 -20.28 -0.72
N TYR B 12 24.10 -20.28 0.43
CA TYR B 12 24.71 -19.83 1.66
C TYR B 12 23.96 -20.45 2.83
N SER B 13 24.34 -20.04 4.04
CA SER B 13 23.71 -20.51 5.26
C SER B 13 23.19 -19.32 6.05
N ARG B 14 22.09 -19.54 6.77
CA ARG B 14 21.49 -18.45 7.55
C ARG B 14 22.45 -17.93 8.61
N HIS B 15 23.11 -18.84 9.32
CA HIS B 15 24.13 -18.52 10.31
C HIS B 15 25.49 -19.01 9.82
N PRO B 16 26.58 -18.45 10.34
CA PRO B 16 27.90 -18.95 9.95
C PRO B 16 28.02 -20.44 10.23
N ALA B 17 28.63 -21.15 9.29
CA ALA B 17 28.65 -22.61 9.34
C ALA B 17 29.59 -23.08 10.43
N GLU B 18 29.05 -23.79 11.42
CA GLU B 18 29.85 -24.44 12.45
C GLU B 18 29.45 -25.90 12.49
N ASN B 19 30.39 -26.78 12.18
CA ASN B 19 30.11 -28.20 12.02
C ASN B 19 29.45 -28.78 13.26
N GLY B 20 28.20 -29.23 13.11
CA GLY B 20 27.47 -29.89 14.17
C GLY B 20 26.34 -29.06 14.75
N LYS B 21 26.22 -27.79 14.38
CA LYS B 21 25.18 -26.93 14.89
C LYS B 21 24.21 -26.58 13.77
N SER B 22 22.92 -26.63 14.06
CA SER B 22 21.91 -26.58 13.02
C SER B 22 21.77 -25.16 12.47
N ASN B 23 21.88 -25.02 11.15
CA ASN B 23 21.58 -23.78 10.45
C ASN B 23 20.57 -24.08 9.36
N PHE B 24 20.33 -23.12 8.48
CA PHE B 24 19.45 -23.30 7.34
C PHE B 24 20.22 -23.05 6.06
N LEU B 25 20.04 -23.91 5.07
CA LEU B 25 20.68 -23.76 3.77
C LEU B 25 19.75 -22.98 2.85
N ASN B 26 20.15 -21.78 2.47
CA ASN B 26 19.37 -20.96 1.57
C ASN B 26 19.95 -21.04 0.17
N CYS B 27 19.07 -20.97 -0.83
CA CYS B 27 19.47 -20.91 -2.24
C CYS B 27 18.67 -19.76 -2.85
N TYR B 28 19.24 -18.57 -2.79
CA TYR B 28 18.57 -17.36 -3.23
C TYR B 28 18.83 -17.15 -4.71
N VAL B 29 17.83 -17.43 -5.54
CA VAL B 29 17.87 -17.16 -6.97
C VAL B 29 17.13 -15.86 -7.22
N SER B 30 17.75 -14.95 -7.96
CA SER B 30 17.22 -13.63 -8.17
C SER B 30 17.46 -13.20 -9.60
N GLY B 31 16.76 -12.14 -10.00
CA GLY B 31 16.97 -11.52 -11.29
C GLY B 31 16.70 -12.41 -12.48
N PHE B 32 15.63 -13.20 -12.43
CA PHE B 32 15.26 -14.05 -13.53
C PHE B 32 13.87 -13.70 -14.03
N HIS B 33 13.63 -14.01 -15.31
CA HIS B 33 12.34 -13.80 -15.96
C HIS B 33 12.27 -14.79 -17.09
N PRO B 34 11.14 -15.46 -17.31
CA PRO B 34 9.88 -15.42 -16.56
C PRO B 34 9.95 -16.13 -15.21
N SER B 35 8.80 -16.26 -14.56
CA SER B 35 8.73 -16.70 -13.17
C SER B 35 8.78 -18.21 -13.02
N ASP B 36 8.87 -18.97 -14.10
CA ASP B 36 8.81 -20.43 -14.05
C ASP B 36 10.22 -20.96 -13.84
N ILE B 37 10.55 -21.29 -12.60
CA ILE B 37 11.87 -21.79 -12.24
C ILE B 37 11.71 -23.06 -11.43
N GLU B 38 12.77 -23.87 -11.41
CA GLU B 38 12.80 -25.15 -10.71
C GLU B 38 14.10 -25.21 -9.92
N VAL B 39 13.99 -25.10 -8.60
CA VAL B 39 15.16 -25.03 -7.71
C VAL B 39 15.18 -26.26 -6.81
N ASP B 40 16.34 -26.86 -6.66
CA ASP B 40 16.49 -28.08 -5.86
C ASP B 40 17.72 -27.94 -4.99
N LEU B 41 17.56 -28.15 -3.68
CA LEU B 41 18.71 -28.19 -2.79
C LEU B 41 19.23 -29.61 -2.68
N LEU B 42 20.53 -29.77 -2.84
CA LEU B 42 21.15 -31.08 -2.90
C LEU B 42 22.10 -31.29 -1.72
N LYS B 43 22.10 -32.51 -1.18
CA LYS B 43 23.03 -32.93 -0.15
C LYS B 43 23.75 -34.16 -0.66
N ASN B 44 25.06 -34.02 -0.93
CA ASN B 44 25.86 -35.09 -1.52
C ASN B 44 25.24 -35.62 -2.81
N GLY B 45 24.70 -34.70 -3.62
CA GLY B 45 24.10 -35.09 -4.88
C GLY B 45 22.80 -35.86 -4.72
N GLU B 46 21.99 -35.48 -3.73
CA GLU B 46 20.67 -36.08 -3.54
C GLU B 46 19.71 -34.96 -3.20
N ARG B 47 18.59 -34.90 -3.92
CA ARG B 47 17.62 -33.84 -3.69
C ARG B 47 17.09 -33.90 -2.27
N ILE B 48 17.00 -32.74 -1.63
CA ILE B 48 16.52 -32.65 -0.25
C ILE B 48 15.02 -32.47 -0.28
N GLU B 49 14.30 -33.28 0.49
CA GLU B 49 12.85 -33.35 0.39
C GLU B 49 12.16 -32.14 1.02
N LYS B 50 12.37 -31.94 2.33
CA LYS B 50 11.68 -30.90 3.08
C LYS B 50 12.34 -29.54 2.84
N VAL B 51 11.95 -28.91 1.73
CA VAL B 51 12.47 -27.61 1.33
C VAL B 51 11.29 -26.65 1.20
N GLU B 52 11.38 -25.51 1.89
CA GLU B 52 10.43 -24.43 1.72
C GLU B 52 10.99 -23.40 0.78
N HIS B 53 10.10 -22.69 0.08
CA HIS B 53 10.49 -21.53 -0.71
C HIS B 53 9.60 -20.35 -0.36
N SER B 54 10.17 -19.16 -0.47
CA SER B 54 9.41 -17.95 -0.19
C SER B 54 8.40 -17.70 -1.31
N ASP B 55 7.65 -16.62 -1.17
CA ASP B 55 6.61 -16.30 -2.14
C ASP B 55 7.16 -15.46 -3.26
N LEU B 56 6.72 -15.75 -4.47
CA LEU B 56 7.28 -15.13 -5.66
C LEU B 56 7.03 -13.63 -5.70
N SER B 57 8.08 -12.85 -5.54
CA SER B 57 8.03 -11.41 -5.69
C SER B 57 8.97 -10.99 -6.82
N PHE B 58 9.13 -9.69 -7.02
CA PHE B 58 9.97 -9.20 -8.09
C PHE B 58 10.61 -7.88 -7.67
N SER B 59 11.68 -7.52 -8.37
CA SER B 59 12.47 -6.34 -8.06
C SER B 59 11.88 -5.12 -8.77
N LYS B 60 12.62 -4.01 -8.75
CA LYS B 60 12.18 -2.81 -9.44
C LYS B 60 12.18 -2.98 -10.95
N ASP B 61 13.01 -3.88 -11.48
CA ASP B 61 13.13 -4.09 -12.91
C ASP B 61 12.29 -5.27 -13.40
N TRP B 62 11.27 -5.65 -12.63
CA TRP B 62 10.29 -6.66 -13.00
C TRP B 62 10.89 -8.06 -13.12
N SER B 63 12.02 -8.32 -12.47
CA SER B 63 12.62 -9.63 -12.45
C SER B 63 12.40 -10.27 -11.09
N PHE B 64 12.21 -11.58 -11.08
CA PHE B 64 11.75 -12.29 -9.89
C PHE B 64 12.90 -12.73 -9.02
N TYR B 65 12.56 -13.15 -7.80
CA TYR B 65 13.52 -13.73 -6.88
C TYR B 65 12.82 -14.66 -5.90
N LEU B 66 13.54 -15.69 -5.47
CA LEU B 66 13.01 -16.69 -4.55
C LEU B 66 14.09 -17.07 -3.56
N LEU B 67 13.67 -17.66 -2.45
CA LEU B 67 14.59 -18.17 -1.44
C LEU B 67 14.15 -19.57 -1.05
N TYR B 68 14.99 -20.55 -1.31
CA TYR B 68 14.71 -21.95 -0.99
C TYR B 68 15.57 -22.34 0.19
N TYR B 69 14.98 -22.43 1.38
CA TYR B 69 15.72 -22.74 2.59
C TYR B 69 15.35 -24.12 3.11
N THR B 70 16.36 -24.83 3.60
CA THR B 70 16.17 -26.10 4.26
C THR B 70 17.08 -26.14 5.48
N GLU B 71 16.66 -26.84 6.52
CA GLU B 71 17.46 -26.94 7.73
C GLU B 71 18.47 -28.06 7.59
N PHE B 72 19.73 -27.78 7.90
CA PHE B 72 20.79 -28.76 7.75
C PHE B 72 21.77 -28.59 8.89
N THR B 73 22.37 -29.68 9.34
CA THR B 73 23.45 -29.61 10.30
C THR B 73 24.74 -29.90 9.56
N PRO B 74 25.57 -28.90 9.29
CA PRO B 74 26.75 -29.12 8.46
C PRO B 74 27.82 -29.90 9.20
N THR B 75 28.70 -30.52 8.42
CA THR B 75 29.93 -31.10 8.92
C THR B 75 30.93 -31.14 7.78
N GLU B 76 32.14 -31.63 8.08
CA GLU B 76 33.18 -31.70 7.06
C GLU B 76 32.79 -32.67 5.95
N LYS B 77 32.19 -33.80 6.32
CA LYS B 77 31.91 -34.85 5.35
C LYS B 77 30.99 -34.35 4.24
N ASP B 78 29.89 -33.70 4.63
CA ASP B 78 28.79 -33.46 3.70
C ASP B 78 29.19 -32.48 2.60
N GLU B 79 28.51 -32.61 1.47
CA GLU B 79 28.62 -31.66 0.36
C GLU B 79 27.23 -31.17 0.02
N TYR B 80 27.04 -29.86 0.05
CA TYR B 80 25.75 -29.26 -0.26
C TYR B 80 25.86 -28.42 -1.53
N ALA B 81 24.74 -28.21 -2.18
CA ALA B 81 24.68 -27.50 -3.45
C ALA B 81 23.26 -27.01 -3.67
N CYS B 82 22.99 -26.55 -4.88
CA CYS B 82 21.66 -26.12 -5.28
C CYS B 82 21.55 -26.22 -6.79
N ARG B 83 20.51 -26.89 -7.27
CA ARG B 83 20.31 -27.15 -8.68
C ARG B 83 19.15 -26.31 -9.20
N VAL B 84 19.42 -25.48 -10.20
CA VAL B 84 18.44 -24.52 -10.71
C VAL B 84 18.27 -24.77 -12.20
N ASN B 85 17.01 -24.91 -12.63
CA ASN B 85 16.69 -25.05 -14.04
C ASN B 85 15.72 -23.94 -14.43
N HIS B 86 15.89 -23.44 -15.66
CA HIS B 86 15.13 -22.28 -16.12
C HIS B 86 15.05 -22.33 -17.63
N VAL B 87 14.13 -21.54 -18.19
CA VAL B 87 14.00 -21.48 -19.63
C VAL B 87 15.25 -20.88 -20.28
N THR B 88 16.00 -20.08 -19.54
CA THR B 88 17.22 -19.47 -20.06
C THR B 88 18.44 -20.38 -19.91
N LEU B 89 18.30 -21.53 -19.25
CA LEU B 89 19.41 -22.44 -19.00
C LEU B 89 19.22 -23.70 -19.82
N SER B 90 20.21 -24.02 -20.66
CA SER B 90 20.15 -25.25 -21.43
C SER B 90 20.23 -26.47 -20.52
N GLN B 91 21.06 -26.39 -19.48
CA GLN B 91 21.20 -27.44 -18.49
C GLN B 91 21.12 -26.84 -17.09
N PRO B 92 20.69 -27.62 -16.09
CA PRO B 92 20.60 -27.09 -14.74
C PRO B 92 21.95 -26.61 -14.22
N LYS B 93 21.91 -25.56 -13.39
CA LYS B 93 23.10 -24.95 -12.85
C LYS B 93 23.32 -25.45 -11.42
N ILE B 94 24.44 -26.11 -11.19
CA ILE B 94 24.72 -26.75 -9.90
C ILE B 94 25.67 -25.86 -9.11
N VAL B 95 25.12 -25.03 -8.23
CA VAL B 95 25.93 -24.09 -7.46
C VAL B 95 26.26 -24.73 -6.12
N LYS B 96 27.51 -25.11 -5.93
CA LYS B 96 27.93 -25.72 -4.67
C LYS B 96 27.98 -24.68 -3.56
N TRP B 97 28.02 -25.14 -2.33
CA TRP B 97 28.00 -24.28 -1.16
C TRP B 97 29.40 -24.23 -0.56
N ASP B 98 30.06 -23.08 -0.71
CA ASP B 98 31.32 -22.83 -0.04
C ASP B 98 31.02 -22.26 1.35
N ARG B 99 31.66 -22.82 2.37
CA ARG B 99 31.54 -22.27 3.71
C ARG B 99 32.02 -20.83 3.76
N ASP B 100 32.87 -20.42 2.82
CA ASP B 100 33.40 -19.08 2.74
C ASP B 100 32.67 -18.18 1.75
N MET B 101 31.73 -18.72 0.98
CA MET B 101 31.07 -18.00 -0.10
C MET B 101 32.02 -17.16 -0.94
N VAL C 1 -3.77 -2.27 2.93
CA VAL C 1 -4.60 -3.34 2.42
C VAL C 1 -4.56 -3.36 0.90
N VAL C 2 -5.15 -4.40 0.31
CA VAL C 2 -5.19 -4.53 -1.16
C VAL C 2 -6.20 -3.53 -1.69
N GLY C 3 -5.92 -2.94 -2.84
CA GLY C 3 -6.82 -1.97 -3.45
C GLY C 3 -7.97 -2.59 -4.15
N ALA C 4 -9.16 -2.08 -3.94
CA ALA C 4 -10.40 -2.49 -4.63
C ALA C 4 -10.46 -2.02 -6.08
N CYS C 5 -10.32 -0.73 -6.34
CA CYS C 5 -10.56 -0.19 -7.71
C CYS C 5 -9.65 -0.80 -8.77
N GLY C 6 -10.22 -1.08 -9.95
CA GLY C 6 -9.43 -1.64 -11.08
C GLY C 6 -10.27 -1.57 -12.33
N VAL C 7 -9.72 -1.12 -13.45
CA VAL C 7 -10.58 -0.97 -14.65
C VAL C 7 -10.19 -1.99 -15.76
N GLY C 8 -8.92 -2.34 -15.84
CA GLY C 8 -8.52 -3.34 -16.84
C GLY C 8 -8.04 -2.62 -18.08
N LYS C 9 -7.11 -3.23 -18.80
CA LYS C 9 -6.45 -2.54 -19.94
C LYS C 9 -7.48 -2.28 -21.07
N MET D 4 -12.03 14.45 18.29
CA MET D 4 -11.57 15.70 17.69
C MET D 4 -12.17 16.85 18.45
N THR D 5 -11.61 18.04 18.24
CA THR D 5 -12.16 19.26 18.80
C THR D 5 -11.93 20.38 17.80
N GLN D 6 -12.98 21.16 17.54
CA GLN D 6 -12.87 22.27 16.60
C GLN D 6 -12.88 23.57 17.38
N SER D 7 -11.85 24.40 17.16
CA SER D 7 -11.69 25.63 17.91
C SER D 7 -11.58 26.81 16.96
N PRO D 8 -12.19 27.95 17.29
CA PRO D 8 -13.03 28.15 18.47
C PRO D 8 -14.45 27.65 18.28
N SER D 9 -15.22 27.53 19.35
CA SER D 9 -16.61 27.13 19.23
C SER D 9 -17.43 28.16 18.47
N SER D 10 -17.06 29.44 18.58
CA SER D 10 -17.71 30.50 17.85
C SER D 10 -16.87 31.77 17.92
N LEU D 11 -16.50 32.33 16.77
CA LEU D 11 -15.73 33.57 16.75
C LEU D 11 -16.54 34.64 16.03
N SER D 12 -16.48 35.85 16.54
CA SER D 12 -17.16 37.01 15.97
C SER D 12 -16.13 37.86 15.26
N ALA D 13 -16.29 38.03 13.95
CA ALA D 13 -15.33 38.74 13.14
C ALA D 13 -16.05 39.71 12.22
N SER D 14 -15.32 40.73 11.77
CA SER D 14 -15.88 41.78 10.93
C SER D 14 -15.40 41.60 9.50
N VAL D 15 -16.09 42.29 8.59
CA VAL D 15 -15.83 42.14 7.16
C VAL D 15 -14.48 42.75 6.84
N GLY D 16 -13.49 41.90 6.62
CA GLY D 16 -12.14 42.36 6.32
C GLY D 16 -11.11 41.55 7.05
N ASP D 17 -11.50 40.97 8.18
CA ASP D 17 -10.57 40.26 9.04
C ASP D 17 -10.19 38.92 8.42
N ARG D 18 -9.06 38.39 8.89
CA ARG D 18 -8.62 37.06 8.53
C ARG D 18 -8.95 36.13 9.69
N VAL D 19 -9.83 35.16 9.45
CA VAL D 19 -10.30 34.27 10.50
C VAL D 19 -9.68 32.90 10.27
N THR D 20 -9.41 32.20 11.37
CA THR D 20 -8.81 30.87 11.31
C THR D 20 -9.60 29.93 12.21
N ILE D 21 -10.16 28.89 11.61
CA ILE D 21 -10.80 27.80 12.34
C ILE D 21 -9.82 26.64 12.36
N THR D 22 -9.60 26.05 13.52
CA THR D 22 -8.66 24.94 13.66
C THR D 22 -9.40 23.68 14.06
N CYS D 23 -8.92 22.53 13.66
CA CYS D 23 -9.59 21.24 13.90
C CYS D 23 -8.48 20.32 14.34
N ARG D 24 -8.56 19.74 15.53
CA ARG D 24 -7.38 18.99 16.04
C ARG D 24 -7.45 17.51 15.77
N ALA D 25 -7.65 17.11 14.52
CA ALA D 25 -7.59 15.69 14.16
C ALA D 25 -6.22 15.16 14.54
N SER D 26 -6.15 14.06 15.29
CA SER D 26 -4.84 13.55 15.79
C SER D 26 -4.53 12.18 15.19
N GLN D 27 -5.39 11.71 14.29
CA GLN D 27 -5.15 10.35 13.78
C GLN D 27 -5.69 10.26 12.36
N SER D 28 -5.98 11.41 11.74
CA SER D 28 -6.54 11.40 10.37
C SER D 28 -5.42 11.56 9.35
N VAL D 29 -5.65 11.06 8.13
CA VAL D 29 -4.66 11.30 7.05
C VAL D 29 -5.09 12.61 6.39
N SER D 30 -4.17 13.58 6.27
CA SER D 30 -4.53 14.90 5.71
C SER D 30 -5.54 14.72 4.58
N SER D 31 -5.31 13.74 3.71
CA SER D 31 -6.20 13.50 2.54
C SER D 31 -7.67 13.44 2.98
N ALA D 32 -7.99 12.84 4.13
CA ALA D 32 -9.40 12.68 4.47
C ALA D 32 -9.91 13.83 5.33
N VAL D 33 -9.23 14.98 5.34
CA VAL D 33 -9.64 16.13 6.13
C VAL D 33 -10.23 17.14 5.17
N ALA D 34 -11.56 17.26 5.18
CA ALA D 34 -12.25 18.24 4.37
C ALA D 34 -12.90 19.30 5.25
N TRP D 35 -13.22 20.43 4.63
CA TRP D 35 -13.83 21.56 5.33
C TRP D 35 -15.11 21.93 4.62
N TYR D 36 -16.22 21.93 5.35
CA TYR D 36 -17.53 22.27 4.80
C TYR D 36 -18.01 23.59 5.37
N GLN D 37 -19.03 24.13 4.75
CA GLN D 37 -19.67 25.36 5.21
C GLN D 37 -21.16 25.20 5.07
N GLN D 38 -21.87 25.32 6.18
CA GLN D 38 -23.33 25.23 6.18
C GLN D 38 -23.91 26.56 6.60
N LYS D 39 -24.71 27.14 5.74
CA LYS D 39 -25.51 28.32 6.09
C LYS D 39 -26.82 27.86 6.72
N PRO D 40 -27.51 28.76 7.43
CA PRO D 40 -28.69 28.32 8.18
C PRO D 40 -29.76 27.69 7.29
N GLY D 41 -30.13 26.46 7.62
CA GLY D 41 -31.18 25.76 6.91
C GLY D 41 -30.86 25.40 5.48
N LYS D 42 -29.60 25.06 5.19
CA LYS D 42 -29.20 24.68 3.86
C LYS D 42 -28.16 23.58 3.95
N ALA D 43 -28.07 22.79 2.90
CA ALA D 43 -27.13 21.68 2.86
C ALA D 43 -25.70 22.21 2.93
N PRO D 44 -24.77 21.46 3.51
CA PRO D 44 -23.39 21.93 3.57
C PRO D 44 -22.78 22.13 2.20
N LYS D 45 -21.58 22.68 2.14
CA LYS D 45 -20.96 23.01 0.86
C LYS D 45 -19.45 22.81 1.02
N LEU D 46 -18.90 21.85 0.29
CA LEU D 46 -17.49 21.54 0.40
C LEU D 46 -16.63 22.72 -0.01
N LEU D 47 -15.63 23.03 0.81
CA LEU D 47 -14.67 24.11 0.54
C LEU D 47 -13.27 23.60 0.26
N ILE D 48 -12.70 22.84 1.19
CA ILE D 48 -11.30 22.44 1.15
C ILE D 48 -11.23 20.93 1.33
N TYR D 49 -10.82 20.20 0.30
CA TYR D 49 -10.61 18.77 0.45
C TYR D 49 -9.12 18.46 0.52
N SER D 50 -8.81 17.27 1.04
CA SER D 50 -7.43 16.82 1.25
C SER D 50 -6.64 17.77 2.13
N ALA D 51 -7.35 18.57 2.94
CA ALA D 51 -6.80 19.43 3.98
C ALA D 51 -6.13 20.68 3.45
N SER D 52 -5.88 20.75 2.15
CA SER D 52 -5.30 21.97 1.57
C SER D 52 -5.87 22.36 0.22
N SER D 53 -6.59 21.47 -0.47
CA SER D 53 -6.94 21.69 -1.86
C SER D 53 -8.29 22.39 -1.97
N LEU D 54 -8.29 23.55 -2.63
CA LEU D 54 -9.54 24.25 -2.88
C LEU D 54 -10.46 23.42 -3.75
N TYR D 55 -11.75 23.56 -3.52
CA TYR D 55 -12.74 22.88 -4.34
C TYR D 55 -13.16 23.80 -5.48
N SER D 56 -13.59 23.20 -6.58
CA SER D 56 -13.94 23.94 -7.78
C SER D 56 -15.03 24.96 -7.50
N GLY D 57 -14.74 26.22 -7.78
CA GLY D 57 -15.68 27.31 -7.65
C GLY D 57 -15.60 28.04 -6.33
N VAL D 58 -15.02 27.43 -5.31
CA VAL D 58 -14.88 28.11 -4.01
C VAL D 58 -13.89 29.25 -4.17
N PRO D 59 -14.17 30.45 -3.64
CA PRO D 59 -13.26 31.58 -3.84
C PRO D 59 -11.90 31.34 -3.21
N SER D 60 -10.89 31.97 -3.79
CA SER D 60 -9.50 31.77 -3.42
C SER D 60 -9.15 32.28 -2.04
N ARG D 61 -10.04 33.02 -1.38
CA ARG D 61 -9.74 33.49 -0.04
C ARG D 61 -9.66 32.35 0.96
N PHE D 62 -10.46 31.30 0.75
CA PHE D 62 -10.40 30.12 1.59
C PHE D 62 -9.11 29.35 1.34
N SER D 63 -8.45 28.93 2.42
CA SER D 63 -7.30 28.04 2.31
C SER D 63 -7.26 27.14 3.53
N GLY D 64 -6.65 25.99 3.36
CA GLY D 64 -6.52 25.03 4.44
C GLY D 64 -5.07 24.62 4.60
N SER D 65 -4.64 24.48 5.84
CA SER D 65 -3.25 24.20 6.17
C SER D 65 -3.18 23.04 7.14
N ARG D 66 -1.97 22.77 7.62
CA ARG D 66 -1.74 21.73 8.62
C ARG D 66 -0.42 22.04 9.31
N SER D 67 -0.49 22.40 10.58
CA SER D 67 0.70 22.65 11.39
C SER D 67 0.75 21.58 12.47
N GLY D 68 1.35 20.44 12.14
CA GLY D 68 1.37 19.31 13.06
C GLY D 68 0.13 18.47 12.95
N THR D 69 -0.39 18.00 14.08
CA THR D 69 -1.66 17.28 14.10
C THR D 69 -2.83 18.22 14.30
N ASP D 70 -2.86 19.27 13.50
CA ASP D 70 -3.76 20.41 13.70
C ASP D 70 -4.05 21.02 12.35
N PHE D 71 -5.26 20.80 11.84
CA PHE D 71 -5.66 21.29 10.53
C PHE D 71 -6.44 22.58 10.69
N THR D 72 -6.11 23.58 9.86
CA THR D 72 -6.63 24.92 10.03
C THR D 72 -7.27 25.40 8.74
N LEU D 73 -8.47 25.95 8.84
CA LEU D 73 -9.12 26.66 7.74
C LEU D 73 -8.88 28.14 7.92
N THR D 74 -8.59 28.83 6.83
CA THR D 74 -8.36 30.27 6.87
C THR D 74 -9.17 30.94 5.78
N ILE D 75 -9.85 32.02 6.13
CA ILE D 75 -10.46 32.93 5.17
C ILE D 75 -9.61 34.19 5.15
N SER D 76 -8.89 34.40 4.05
CA SER D 76 -7.80 35.38 4.04
C SER D 76 -8.29 36.78 4.31
N SER D 77 -9.39 37.18 3.67
CA SER D 77 -10.01 38.48 3.94
C SER D 77 -11.52 38.24 3.89
N LEU D 78 -12.16 38.35 5.04
CA LEU D 78 -13.55 37.93 5.18
C LEU D 78 -14.46 38.84 4.36
N GLN D 79 -15.53 38.28 3.77
CA GLN D 79 -16.47 39.00 2.90
C GLN D 79 -17.84 38.70 3.47
N PRO D 80 -18.86 39.52 3.24
CA PRO D 80 -20.22 39.28 3.73
C PRO D 80 -20.97 38.18 2.98
N GLU D 81 -20.29 37.06 2.77
CA GLU D 81 -20.93 35.80 2.40
C GLU D 81 -20.37 34.64 3.18
N ASP D 82 -19.39 34.87 4.05
CA ASP D 82 -18.67 33.80 4.74
C ASP D 82 -19.13 33.60 6.16
N PHE D 83 -20.22 34.25 6.56
CA PHE D 83 -20.72 34.14 7.93
C PHE D 83 -21.64 32.93 7.98
N ALA D 84 -21.11 31.81 8.42
CA ALA D 84 -21.81 30.54 8.45
C ALA D 84 -21.07 29.63 9.44
N THR D 85 -21.41 28.35 9.43
CA THR D 85 -20.80 27.37 10.32
C THR D 85 -19.91 26.45 9.51
N TYR D 86 -18.67 26.26 9.95
CA TYR D 86 -17.67 25.50 9.21
C TYR D 86 -17.35 24.21 9.95
N TYR D 87 -17.48 23.09 9.25
CA TYR D 87 -17.24 21.77 9.82
C TYR D 87 -16.02 21.15 9.15
N CYS D 88 -15.13 20.60 9.96
CA CYS D 88 -14.05 19.76 9.44
C CYS D 88 -14.45 18.31 9.60
N GLN D 89 -14.21 17.51 8.57
CA GLN D 89 -14.41 16.08 8.72
C GLN D 89 -13.07 15.39 8.86
N GLN D 90 -13.13 14.12 9.24
CA GLN D 90 -11.96 13.26 9.24
C GLN D 90 -12.44 11.83 9.11
N ALA D 91 -11.97 11.14 8.08
CA ALA D 91 -12.35 9.77 7.83
C ALA D 91 -11.25 8.83 8.31
N SER D 92 -11.65 7.74 8.92
CA SER D 92 -10.74 6.68 9.32
C SER D 92 -10.97 5.49 8.40
N TYR D 93 -9.95 5.13 7.63
CA TYR D 93 -10.09 3.99 6.74
C TYR D 93 -10.03 2.66 7.48
N VAL D 94 -9.33 2.62 8.62
CA VAL D 94 -9.31 1.41 9.42
C VAL D 94 -10.68 1.15 10.04
N ARG D 95 -11.27 2.18 10.63
CA ARG D 95 -12.55 2.05 11.31
C ARG D 95 -13.74 2.32 10.43
N LYS D 96 -13.52 2.83 9.21
CA LYS D 96 -14.59 3.12 8.25
C LYS D 96 -15.65 4.04 8.86
N THR D 97 -15.18 5.19 9.35
CA THR D 97 -16.06 6.22 9.90
C THR D 97 -15.63 7.58 9.40
N ILE D 98 -16.58 8.41 9.03
CA ILE D 98 -16.38 9.85 8.86
C ILE D 98 -16.89 10.54 10.10
N THR D 99 -16.11 11.46 10.64
CA THR D 99 -16.48 12.20 11.84
C THR D 99 -16.42 13.69 11.52
N PHE D 100 -17.52 14.39 11.70
CA PHE D 100 -17.57 15.81 11.48
C PHE D 100 -17.25 16.56 12.77
N GLY D 101 -16.52 17.65 12.65
CA GLY D 101 -16.19 18.47 13.80
C GLY D 101 -17.43 19.09 14.40
N GLN D 102 -17.28 19.57 15.63
CA GLN D 102 -18.42 20.11 16.36
C GLN D 102 -19.01 21.34 15.67
N GLY D 103 -18.22 22.01 14.84
CA GLY D 103 -18.69 23.17 14.12
C GLY D 103 -18.21 24.47 14.75
N THR D 104 -18.00 25.46 13.90
CA THR D 104 -17.54 26.78 14.32
C THR D 104 -18.37 27.83 13.63
N LYS D 105 -19.04 28.67 14.40
CA LYS D 105 -19.92 29.69 13.82
C LYS D 105 -19.19 31.02 13.77
N VAL D 106 -19.18 31.63 12.58
CA VAL D 106 -18.61 32.95 12.37
C VAL D 106 -19.76 33.95 12.32
N GLU D 107 -19.63 35.03 13.09
CA GLU D 107 -20.71 36.00 13.22
C GLU D 107 -20.15 37.39 12.96
N ILE D 108 -20.96 38.40 13.25
CA ILE D 108 -20.64 39.78 12.95
C ILE D 108 -20.13 40.45 14.23
N LYS D 109 -19.37 41.53 14.06
CA LYS D 109 -18.96 42.37 15.17
C LYS D 109 -19.92 43.54 15.32
N ARG D 110 -19.78 44.26 16.43
CA ARG D 110 -20.69 45.33 16.85
C ARG D 110 -21.16 46.24 15.72
N GLU E 4 -26.05 19.37 -12.89
CA GLU E 4 -26.15 18.05 -13.50
C GLU E 4 -26.32 16.98 -12.43
N VAL E 5 -25.39 16.96 -11.47
CA VAL E 5 -25.44 15.99 -10.38
C VAL E 5 -26.46 16.47 -9.36
N GLN E 6 -27.57 15.74 -9.25
CA GLN E 6 -28.66 16.11 -8.36
C GLN E 6 -28.98 14.95 -7.44
N LEU E 7 -29.06 15.23 -6.15
CA LEU E 7 -29.48 14.27 -5.14
C LEU E 7 -30.78 14.74 -4.52
N VAL E 8 -31.79 13.89 -4.56
CA VAL E 8 -33.10 14.18 -3.97
C VAL E 8 -33.40 13.08 -2.96
N GLU E 9 -33.63 13.48 -1.72
CA GLU E 9 -33.97 12.54 -0.65
C GLU E 9 -35.40 12.78 -0.21
N SER E 10 -36.14 11.69 -0.02
CA SER E 10 -37.53 11.78 0.39
C SER E 10 -37.95 10.48 1.03
N GLY E 11 -38.84 10.57 2.00
CA GLY E 11 -39.41 9.38 2.60
C GLY E 11 -39.49 9.36 4.11
N GLY E 12 -39.12 10.46 4.76
CA GLY E 12 -39.12 10.56 6.20
C GLY E 12 -40.09 11.60 6.70
N GLY E 13 -40.64 11.37 7.88
CA GLY E 13 -41.57 12.29 8.51
C GLY E 13 -41.92 11.85 9.92
N LEU E 14 -43.16 12.04 10.32
CA LEU E 14 -43.60 11.61 11.65
C LEU E 14 -43.47 10.09 11.79
N VAL E 15 -42.93 9.66 12.92
CA VAL E 15 -42.78 8.24 13.23
C VAL E 15 -42.77 8.08 14.74
N GLN E 16 -43.40 7.02 15.22
CA GLN E 16 -43.36 6.68 16.63
C GLN E 16 -42.04 5.99 16.97
N PRO E 17 -41.64 6.01 18.24
CA PRO E 17 -40.44 5.26 18.64
C PRO E 17 -40.66 3.77 18.46
N GLY E 18 -39.55 3.07 18.22
CA GLY E 18 -39.59 1.65 17.97
C GLY E 18 -40.29 1.28 16.68
N GLY E 19 -40.14 2.11 15.64
CA GLY E 19 -40.73 1.84 14.34
C GLY E 19 -39.69 2.04 13.25
N SER E 20 -40.13 1.78 12.02
CA SER E 20 -39.22 1.80 10.88
C SER E 20 -39.61 2.89 9.90
N LEU E 21 -38.59 3.52 9.32
CA LEU E 21 -38.74 4.41 8.18
C LEU E 21 -37.77 3.97 7.10
N ARG E 22 -38.10 4.30 5.86
CA ARG E 22 -37.20 4.04 4.74
C ARG E 22 -36.97 5.35 3.99
N LEU E 23 -35.82 5.96 4.25
CA LEU E 23 -35.41 7.12 3.49
C LEU E 23 -34.74 6.68 2.20
N SER E 24 -35.16 7.28 1.09
CA SER E 24 -34.57 7.00 -0.21
C SER E 24 -33.94 8.28 -0.75
N CYS E 25 -32.90 8.10 -1.57
CA CYS E 25 -32.17 9.23 -2.13
C CYS E 25 -31.95 8.96 -3.62
N ALA E 26 -32.80 9.55 -4.45
CA ALA E 26 -32.77 9.27 -5.88
C ALA E 26 -31.67 10.09 -6.55
N ALA E 27 -30.53 9.46 -6.80
CA ALA E 27 -29.39 10.11 -7.42
C ALA E 27 -29.60 10.18 -8.92
N SER E 28 -29.15 11.28 -9.52
CA SER E 28 -29.30 11.47 -10.96
C SER E 28 -28.26 12.47 -11.43
N GLY E 29 -27.37 12.05 -12.31
CA GLY E 29 -26.37 12.95 -12.86
C GLY E 29 -24.98 12.35 -12.87
N PHE E 30 -24.86 11.08 -12.49
CA PHE E 30 -23.57 10.42 -12.45
C PHE E 30 -23.80 8.92 -12.46
N THR E 31 -22.74 8.18 -12.78
CA THR E 31 -22.79 6.72 -12.73
C THR E 31 -22.79 6.29 -11.27
N PHE E 32 -23.88 5.68 -10.82
CA PHE E 32 -24.08 5.41 -9.41
C PHE E 32 -23.01 4.50 -8.83
N SER E 33 -22.43 3.62 -9.65
CA SER E 33 -21.46 2.66 -9.13
C SER E 33 -20.05 3.24 -9.03
N ASP E 34 -19.84 4.49 -9.44
CA ASP E 34 -18.53 5.09 -9.36
C ASP E 34 -18.25 5.77 -8.03
N TYR E 35 -19.28 6.18 -7.30
CA TYR E 35 -19.14 6.95 -6.08
C TYR E 35 -19.89 6.28 -4.93
N SER E 36 -19.64 6.78 -3.73
CA SER E 36 -20.29 6.32 -2.51
C SER E 36 -21.41 7.29 -2.14
N ILE E 37 -22.39 6.78 -1.39
CA ILE E 37 -23.51 7.58 -0.91
C ILE E 37 -23.50 7.55 0.61
N HIS E 38 -23.41 8.72 1.22
CA HIS E 38 -23.35 8.86 2.66
C HIS E 38 -24.62 9.51 3.17
N TRP E 39 -25.08 9.05 4.32
CA TRP E 39 -26.22 9.66 5.00
C TRP E 39 -25.71 10.45 6.18
N VAL E 40 -25.99 11.75 6.19
CA VAL E 40 -25.54 12.66 7.23
C VAL E 40 -26.77 13.34 7.80
N ARG E 41 -26.82 13.45 9.12
CA ARG E 41 -27.97 14.06 9.76
C ARG E 41 -27.56 15.27 10.58
N GLN E 42 -28.43 16.27 10.67
CA GLN E 42 -28.17 17.49 11.45
C GLN E 42 -29.24 17.57 12.50
N ALA E 43 -28.96 16.96 13.65
CA ALA E 43 -29.87 17.00 14.80
C ALA E 43 -30.35 18.45 14.93
N PRO E 44 -31.60 18.71 15.33
CA PRO E 44 -32.12 20.08 15.40
C PRO E 44 -31.34 20.99 16.32
N GLY E 45 -30.68 21.99 15.73
CA GLY E 45 -29.82 22.90 16.45
C GLY E 45 -28.39 22.41 16.61
N LYS E 46 -28.18 21.09 16.61
CA LYS E 46 -26.86 20.50 16.87
C LYS E 46 -26.07 20.51 15.58
N GLY E 47 -24.96 19.78 15.49
CA GLY E 47 -24.07 19.77 14.37
C GLY E 47 -24.26 18.57 13.47
N LEU E 48 -23.47 18.54 12.40
CA LEU E 48 -23.55 17.47 11.42
C LEU E 48 -23.07 16.17 12.03
N GLU E 49 -23.86 15.13 11.89
CA GLU E 49 -23.48 13.79 12.32
C GLU E 49 -23.54 12.84 11.14
N TRP E 50 -22.44 12.15 10.90
CA TRP E 50 -22.42 11.12 9.86
C TRP E 50 -23.12 9.88 10.39
N VAL E 51 -24.03 9.33 9.59
CA VAL E 51 -24.90 8.25 10.03
C VAL E 51 -24.49 6.92 9.44
N ALA E 52 -24.47 6.81 8.12
CA ALA E 52 -24.19 5.53 7.48
C ALA E 52 -23.70 5.78 6.07
N SER E 53 -23.04 4.78 5.51
CA SER E 53 -22.42 4.91 4.20
C SER E 53 -22.61 3.64 3.39
N ILE E 54 -22.55 3.80 2.08
CA ILE E 54 -22.65 2.69 1.13
C ILE E 54 -21.65 2.92 0.02
N SER E 55 -20.96 1.86 -0.38
CA SER E 55 -20.14 1.87 -1.59
C SER E 55 -20.90 1.05 -2.62
N SER E 56 -21.40 1.72 -3.65
CA SER E 56 -22.31 1.07 -4.59
C SER E 56 -21.66 -0.14 -5.25
N SER E 57 -20.40 -0.01 -5.65
CA SER E 57 -19.61 -1.16 -6.07
C SER E 57 -19.01 -1.82 -4.84
N SER E 58 -19.09 -3.15 -4.80
CA SER E 58 -18.65 -4.02 -3.70
C SER E 58 -19.58 -3.97 -2.50
N GLY E 59 -20.58 -3.09 -2.48
CA GLY E 59 -21.60 -3.09 -1.44
C GLY E 59 -21.06 -2.98 -0.04
N SER E 60 -20.07 -2.12 0.16
CA SER E 60 -19.40 -1.97 1.46
C SER E 60 -20.17 -0.94 2.28
N THR E 61 -20.90 -1.41 3.28
CA THR E 61 -21.60 -0.52 4.19
C THR E 61 -20.69 -0.10 5.35
N SER E 62 -21.08 0.98 6.00
CA SER E 62 -20.45 1.40 7.24
C SER E 62 -21.44 2.27 7.99
N TYR E 63 -21.44 2.17 9.32
CA TYR E 63 -22.41 2.85 10.15
C TYR E 63 -21.71 3.62 11.24
N ALA E 64 -22.47 4.47 11.93
CA ALA E 64 -21.91 5.43 12.86
C ALA E 64 -21.63 4.85 14.24
N ASP E 65 -21.95 3.58 14.46
CA ASP E 65 -21.72 2.88 15.72
C ASP E 65 -22.67 3.39 16.79
N SER E 66 -23.44 4.43 16.49
CA SER E 66 -24.62 4.79 17.27
C SER E 66 -25.89 4.36 16.57
N VAL E 67 -25.79 3.86 15.34
CA VAL E 67 -26.92 3.38 14.56
C VAL E 67 -26.57 2.01 14.00
N LYS E 68 -25.52 1.38 14.55
CA LYS E 68 -24.92 0.21 13.94
C LYS E 68 -25.94 -0.90 13.68
N GLY E 69 -26.58 -1.39 14.74
CA GLY E 69 -27.53 -2.47 14.57
C GLY E 69 -28.92 -2.05 14.19
N ARG E 70 -29.19 -0.76 14.18
CA ARG E 70 -30.55 -0.25 13.96
C ARG E 70 -30.77 0.35 12.58
N PHE E 71 -29.72 0.83 11.93
CA PHE E 71 -29.81 1.38 10.59
C PHE E 71 -29.10 0.45 9.61
N THR E 72 -29.69 0.29 8.42
CA THR E 72 -29.05 -0.47 7.34
C THR E 72 -29.23 0.29 6.05
N ILE E 73 -28.16 0.44 5.28
CA ILE E 73 -28.24 1.03 3.95
C ILE E 73 -28.29 -0.07 2.90
N SER E 74 -29.27 0.02 2.02
CA SER E 74 -29.28 -0.72 0.77
C SER E 74 -29.15 0.27 -0.37
N ALA E 75 -28.72 -0.23 -1.52
CA ALA E 75 -28.50 0.65 -2.66
C ALA E 75 -28.88 -0.12 -3.93
N ASP E 76 -30.04 0.18 -4.50
CA ASP E 76 -30.47 -0.43 -5.75
C ASP E 76 -29.73 0.26 -6.87
N THR E 77 -28.64 -0.38 -7.33
CA THR E 77 -27.82 0.23 -8.36
C THR E 77 -28.61 0.45 -9.64
N SER E 78 -29.44 -0.52 -10.02
CA SER E 78 -30.29 -0.33 -11.19
C SER E 78 -31.61 0.32 -10.82
N LYS E 79 -31.53 1.35 -9.99
CA LYS E 79 -32.59 2.32 -9.80
C LYS E 79 -32.06 3.73 -9.60
N ASN E 80 -30.75 3.92 -9.52
CA ASN E 80 -30.13 5.19 -9.12
C ASN E 80 -30.78 5.71 -7.84
N THR E 81 -30.63 4.92 -6.78
CA THR E 81 -31.26 5.25 -5.51
C THR E 81 -30.53 4.50 -4.39
N ALA E 82 -30.31 5.19 -3.28
CA ALA E 82 -29.77 4.59 -2.06
C ALA E 82 -30.80 4.74 -0.95
N TYR E 83 -31.07 3.66 -0.25
CA TYR E 83 -32.07 3.63 0.80
C TYR E 83 -31.40 3.57 2.17
N LEU E 84 -32.14 3.94 3.21
CA LEU E 84 -31.68 3.84 4.59
C LEU E 84 -32.85 3.39 5.45
N GLN E 85 -32.93 2.09 5.72
CA GLN E 85 -33.96 1.56 6.61
C GLN E 85 -33.54 1.83 8.06
N MET E 86 -34.40 2.52 8.80
CA MET E 86 -34.08 2.91 10.17
C MET E 86 -35.04 2.21 11.12
N ASN E 87 -34.61 1.07 11.64
CA ASN E 87 -35.43 0.29 12.57
C ASN E 87 -35.12 0.69 14.00
N SER E 88 -36.10 0.48 14.87
CA SER E 88 -35.99 0.80 16.30
C SER E 88 -35.54 2.25 16.49
N LEU E 89 -36.40 3.16 16.06
CA LEU E 89 -36.11 4.58 16.11
C LEU E 89 -36.27 5.10 17.53
N ARG E 90 -35.30 5.89 17.98
CA ARG E 90 -35.36 6.56 19.27
C ARG E 90 -35.73 8.01 19.06
N ALA E 91 -36.05 8.69 20.17
CA ALA E 91 -36.31 10.11 20.08
C ALA E 91 -35.05 10.91 19.78
N GLU E 92 -33.88 10.29 19.86
CA GLU E 92 -32.62 10.93 19.52
C GLU E 92 -32.25 10.79 18.06
N ASP E 93 -33.05 10.05 17.28
CA ASP E 93 -32.82 9.92 15.85
C ASP E 93 -33.54 10.99 15.04
N THR E 94 -34.27 11.90 15.69
CA THR E 94 -34.91 12.97 14.97
C THR E 94 -33.87 14.00 14.53
N ALA E 95 -33.86 14.31 13.25
CA ALA E 95 -32.86 15.16 12.63
C ALA E 95 -33.30 15.45 11.21
N VAL E 96 -32.45 16.14 10.46
CA VAL E 96 -32.61 16.33 9.03
C VAL E 96 -31.54 15.51 8.35
N TYR E 97 -31.96 14.57 7.51
CA TYR E 97 -31.05 13.61 6.91
C TYR E 97 -30.70 14.04 5.50
N TYR E 98 -29.41 14.19 5.23
CA TYR E 98 -28.90 14.50 3.90
C TYR E 98 -28.22 13.27 3.33
N CYS E 99 -28.39 13.03 2.03
CA CYS E 99 -27.57 12.07 1.33
C CYS E 99 -26.54 12.85 0.52
N ALA E 100 -25.29 12.42 0.62
CA ALA E 100 -24.19 13.08 -0.06
C ALA E 100 -23.46 12.08 -0.94
N ARG E 101 -22.43 12.55 -1.62
CA ARG E 101 -21.71 11.75 -2.61
C ARG E 101 -20.21 11.89 -2.35
N GLY E 102 -19.55 10.77 -2.08
CA GLY E 102 -18.11 10.77 -1.97
C GLY E 102 -17.49 10.75 -3.36
N GLY E 103 -16.73 11.79 -3.69
CA GLY E 103 -16.34 12.01 -5.06
C GLY E 103 -14.88 11.76 -5.40
N TRP E 104 -14.33 10.65 -4.88
CA TRP E 104 -12.96 10.22 -5.16
C TRP E 104 -11.95 11.14 -4.48
N ILE E 105 -12.43 12.23 -3.88
CA ILE E 105 -11.56 13.19 -3.20
C ILE E 105 -11.68 13.05 -1.69
N ALA E 106 -12.32 12.00 -1.19
CA ALA E 106 -12.56 11.81 0.24
C ALA E 106 -13.26 13.03 0.83
N ALA E 107 -14.29 13.49 0.14
CA ALA E 107 -15.13 14.56 0.63
C ALA E 107 -16.50 14.45 -0.02
N MET E 108 -17.52 14.92 0.68
CA MET E 108 -18.90 14.86 0.20
C MET E 108 -19.18 16.13 -0.58
N ASP E 109 -18.89 16.10 -1.87
CA ASP E 109 -18.94 17.31 -2.68
C ASP E 109 -20.36 17.74 -3.00
N TYR E 110 -21.24 16.79 -3.31
CA TYR E 110 -22.62 17.08 -3.66
C TYR E 110 -23.55 16.59 -2.55
N TRP E 111 -24.47 17.44 -2.12
CA TRP E 111 -25.42 17.14 -1.06
C TRP E 111 -26.84 17.20 -1.58
N GLY E 112 -27.75 16.66 -0.79
CA GLY E 112 -29.17 16.76 -1.06
C GLY E 112 -29.75 18.02 -0.45
N GLN E 113 -31.03 17.96 -0.11
CA GLN E 113 -31.65 19.08 0.58
C GLN E 113 -32.05 18.77 2.01
N GLY E 114 -32.47 17.55 2.29
CA GLY E 114 -32.84 17.22 3.65
C GLY E 114 -34.19 16.53 3.76
N THR E 115 -34.25 15.52 4.62
CA THR E 115 -35.48 14.82 4.95
C THR E 115 -35.66 14.88 6.46
N LEU E 116 -36.70 15.56 6.92
CA LEU E 116 -36.91 15.75 8.34
C LEU E 116 -37.62 14.53 8.90
N VAL E 117 -36.94 13.80 9.78
CA VAL E 117 -37.50 12.65 10.48
C VAL E 117 -37.75 13.09 11.91
N THR E 118 -39.02 13.07 12.33
CA THR E 118 -39.40 13.50 13.67
C THR E 118 -39.96 12.29 14.40
N VAL E 119 -39.23 11.79 15.39
CA VAL E 119 -39.68 10.65 16.17
C VAL E 119 -40.54 11.13 17.33
N PHE E 120 -41.79 10.70 17.36
CA PHE E 120 -42.71 11.10 18.41
C PHE E 120 -43.31 9.90 19.12
#